data_5CQF
#
_entry.id   5CQF
#
_cell.length_a   77.218
_cell.length_b   85.495
_cell.length_c   139.016
_cell.angle_alpha   90.00
_cell.angle_beta   90.00
_cell.angle_gamma   90.00
#
_symmetry.space_group_name_H-M   'I 2 2 2'
#
loop_
_entity.id
_entity.type
_entity.pdbx_description
1 polymer 'L-lysine 6-monooxygenase'
2 non-polymer 'IODIDE ION'
3 water water
#
_entity_poly.entity_id   1
_entity_poly.type   'polypeptide(L)'
_entity_poly.pdbx_seq_one_letter_code
;SNA(MSE)GNSTPHSLHSDAICIGFGPAGIALACAFEDAREASQPLGDLSIGYLEAAPDTQWHRELLLAGTDINHHVFRD
LVTPRNPRSRFSFA(MSE)YLKDQGR(MSE)FDFGLLGRPASRHEWSDYLGWVSRQVDGHTRFDTPVTEIDPVIRNGRLQ
EVRVRTPQGSFATRNLVLSSGSAPRIPQAFEALLGPTLFHTSRFLTRLQAFGKQLPKRWLVLGSGQSASESVLELVSRDP
AIEVHSVHRCAGFKLTQLGQFPNRVFAPDHVDYFHSLNPAARQRFLDWSRSTNYAGIDPDERQKLFSLIYEDSIAGRTRL
HTYAYSVISAIEHTADGYRVELTDTFSQRTRVLEVDAVVLGTGYQQYLIPPLLSGLQPWLAADVDGGLLIDRDYRVATQG
ACDVNIWVNGLSERSHGISDSQSFSL(MSE)ALRAGRIASALERAVEPATDAPLLAQWT
;
_entity_poly.pdbx_strand_id   A
#
# COMPACT_ATOMS: atom_id res chain seq x y z
N HIS A 13 10.26 10.66 -25.39
CA HIS A 13 9.25 9.73 -25.95
C HIS A 13 9.66 8.26 -25.81
N SER A 14 8.88 7.48 -25.06
CA SER A 14 9.05 6.02 -25.00
C SER A 14 7.70 5.36 -25.23
N ASP A 15 7.70 4.07 -25.57
CA ASP A 15 6.45 3.34 -25.83
C ASP A 15 5.49 3.35 -24.65
N ALA A 16 6.04 3.42 -23.44
CA ALA A 16 5.24 3.50 -22.25
C ALA A 16 5.98 4.23 -21.13
N ILE A 17 5.21 4.81 -20.21
CA ILE A 17 5.75 5.37 -18.97
C ILE A 17 5.01 4.73 -17.81
N CYS A 18 5.77 4.27 -16.83
CA CYS A 18 5.23 3.76 -15.58
C CYS A 18 5.55 4.74 -14.49
N ILE A 19 4.55 5.17 -13.74
CA ILE A 19 4.80 6.07 -12.62
C ILE A 19 4.88 5.23 -11.36
N GLY A 20 6.03 5.27 -10.70
CA GLY A 20 6.29 4.56 -9.46
C GLY A 20 7.32 3.48 -9.71
N PHE A 21 8.34 3.42 -8.86
CA PHE A 21 9.25 2.30 -8.89
C PHE A 21 9.37 1.65 -7.52
N GLY A 22 8.23 1.49 -6.86
CA GLY A 22 8.11 0.61 -5.72
C GLY A 22 7.93 -0.81 -6.22
N PRO A 23 7.56 -1.75 -5.33
CA PRO A 23 7.47 -3.14 -5.70
C PRO A 23 6.67 -3.38 -6.97
N ALA A 24 5.54 -2.69 -7.10
CA ALA A 24 4.68 -2.88 -8.25
C ALA A 24 5.41 -2.57 -9.55
N GLY A 25 6.08 -1.42 -9.62
CA GLY A 25 6.84 -1.06 -10.84
C GLY A 25 8.06 -1.97 -11.03
N ILE A 26 8.65 -2.43 -9.94
CA ILE A 26 9.80 -3.31 -10.07
C ILE A 26 9.38 -4.63 -10.65
N ALA A 27 8.22 -5.10 -10.19
CA ALA A 27 7.66 -6.34 -10.69
C ALA A 27 7.42 -6.25 -12.16
N LEU A 28 6.89 -5.12 -12.62
CA LEU A 28 6.67 -4.88 -14.05
C LEU A 28 7.95 -4.87 -14.84
N ALA A 29 8.96 -4.14 -14.35
CA ALA A 29 10.29 -4.18 -15.00
C ALA A 29 10.85 -5.58 -15.06
N CYS A 30 10.62 -6.40 -14.02
CA CYS A 30 11.11 -7.77 -14.08
C CYS A 30 10.50 -8.54 -15.23
N ALA A 31 9.23 -8.32 -15.53
CA ALA A 31 8.63 -9.01 -16.68
C ALA A 31 9.32 -8.61 -17.98
N PHE A 32 9.62 -7.33 -18.12
CA PHE A 32 10.29 -6.87 -19.34
C PHE A 32 11.70 -7.42 -19.42
N GLU A 33 12.43 -7.33 -18.32
CA GLU A 33 13.78 -7.89 -18.32
C GLU A 33 13.80 -9.39 -18.56
N ASP A 34 12.93 -10.17 -17.91
CA ASP A 34 12.83 -11.61 -18.23
C ASP A 34 12.73 -11.80 -19.74
N ALA A 35 11.87 -11.01 -20.37
CA ALA A 35 11.61 -11.13 -21.79
C ALA A 35 12.83 -10.73 -22.67
N ARG A 36 13.43 -9.59 -22.34
CA ARG A 36 14.68 -9.12 -22.96
C ARG A 36 15.77 -10.20 -22.93
N GLU A 37 15.98 -10.79 -21.75
CA GLU A 37 17.06 -11.76 -21.56
C GLU A 37 16.77 -13.08 -22.28
N ALA A 38 15.50 -13.36 -22.50
CA ALA A 38 15.11 -14.56 -23.22
C ALA A 38 14.93 -14.31 -24.72
N SER A 39 15.22 -13.09 -25.17
CA SER A 39 15.06 -12.67 -26.58
C SER A 39 13.62 -12.61 -27.08
N GLN A 40 12.64 -12.56 -26.18
CA GLN A 40 11.23 -12.49 -26.57
C GLN A 40 10.84 -11.06 -26.95
N PRO A 41 9.79 -10.90 -27.79
CA PRO A 41 9.48 -9.59 -28.40
C PRO A 41 9.18 -8.48 -27.41
N LEU A 42 8.54 -8.84 -26.29
CA LEU A 42 8.18 -7.87 -25.27
C LEU A 42 9.38 -7.08 -24.76
N GLY A 43 10.56 -7.69 -24.80
CA GLY A 43 11.78 -7.05 -24.33
C GLY A 43 12.26 -5.86 -25.14
N ASP A 44 11.72 -5.70 -26.35
CA ASP A 44 12.11 -4.62 -27.26
C ASP A 44 11.37 -3.33 -26.95
N LEU A 45 10.17 -3.45 -26.39
CA LEU A 45 9.36 -2.29 -26.00
C LEU A 45 10.13 -1.43 -24.99
N SER A 46 10.15 -0.13 -25.21
CA SER A 46 10.90 0.80 -24.38
C SER A 46 9.94 1.44 -23.40
N ILE A 47 10.30 1.39 -22.13
CA ILE A 47 9.49 1.86 -21.07
C ILE A 47 10.42 2.58 -20.12
N GLY A 48 9.99 3.70 -19.58
CA GLY A 48 10.75 4.46 -18.58
C GLY A 48 10.01 4.52 -17.26
N TYR A 49 10.73 4.62 -16.16
CA TYR A 49 10.05 4.67 -14.86
C TYR A 49 10.40 5.94 -14.11
N LEU A 50 9.39 6.56 -13.49
CA LEU A 50 9.60 7.81 -12.78
C LEU A 50 9.22 7.55 -11.35
N GLU A 51 10.18 7.67 -10.44
CA GLU A 51 9.91 7.47 -9.02
C GLU A 51 10.21 8.73 -8.25
N ALA A 52 9.26 9.17 -7.44
CA ALA A 52 9.37 10.44 -6.72
C ALA A 52 10.45 10.42 -5.64
N ALA A 53 10.55 9.29 -4.94
CA ALA A 53 11.47 9.13 -3.81
C ALA A 53 12.87 8.70 -4.28
N PRO A 54 13.86 8.78 -3.37
CA PRO A 54 15.22 8.34 -3.71
C PRO A 54 15.44 6.85 -3.58
N ASP A 55 16.53 6.39 -4.20
CA ASP A 55 16.94 5.00 -4.21
C ASP A 55 17.68 4.72 -2.92
N THR A 56 16.93 4.39 -1.88
CA THR A 56 17.52 4.19 -0.56
C THR A 56 16.83 3.04 0.17
N GLN A 57 17.61 2.36 1.02
CA GLN A 57 17.09 1.29 1.86
C GLN A 57 15.99 1.82 2.76
N TRP A 58 16.20 2.97 3.40
CA TRP A 58 15.19 3.59 4.25
C TRP A 58 13.81 3.66 3.57
N HIS A 59 13.78 4.11 2.32
CA HIS A 59 12.52 4.26 1.60
C HIS A 59 11.85 2.93 1.26
N ARG A 60 12.64 1.93 0.87
CA ARG A 60 12.11 0.60 0.55
C ARG A 60 11.48 -0.05 1.79
N GLU A 61 12.16 0.07 2.94
CA GLU A 61 11.65 -0.37 4.24
C GLU A 61 10.40 0.39 4.68
N LEU A 62 10.34 1.68 4.34
CA LEU A 62 9.13 2.45 4.56
C LEU A 62 7.95 1.84 3.78
N LEU A 63 8.21 1.29 2.59
CA LEU A 63 7.16 0.74 1.71
C LEU A 63 6.54 -0.59 2.18
N LEU A 64 7.26 -1.35 2.98
CA LEU A 64 6.78 -2.65 3.39
C LEU A 64 5.96 -2.59 4.69
N ALA A 65 6.08 -1.47 5.41
CA ALA A 65 5.41 -1.32 6.69
C ALA A 65 3.90 -1.57 6.57
N GLY A 66 3.33 -2.14 7.62
CA GLY A 66 1.93 -2.58 7.63
C GLY A 66 1.57 -3.83 6.80
N THR A 67 2.56 -4.43 6.12
CA THR A 67 2.29 -5.53 5.19
C THR A 67 2.54 -6.92 5.82
N ASP A 68 1.56 -7.81 5.67
CA ASP A 68 1.64 -9.17 6.17
C ASP A 68 2.54 -9.99 5.25
N ILE A 69 3.75 -10.27 5.73
CA ILE A 69 4.75 -11.05 4.97
C ILE A 69 4.82 -12.47 5.50
N ASN A 70 3.78 -12.88 6.21
CA ASN A 70 3.69 -14.25 6.69
C ASN A 70 3.02 -15.05 5.57
N HIS A 71 3.82 -15.27 4.52
CA HIS A 71 3.43 -16.05 3.36
C HIS A 71 4.62 -16.85 2.84
N HIS A 72 4.30 -17.76 1.95
CA HIS A 72 5.28 -18.67 1.44
C HIS A 72 6.30 -17.90 0.59
N VAL A 73 7.52 -18.40 0.61
CA VAL A 73 8.66 -17.78 -0.04
C VAL A 73 8.54 -17.76 -1.61
N PHE A 74 7.71 -18.60 -2.21
CA PHE A 74 7.45 -18.55 -3.65
C PHE A 74 6.65 -17.36 -4.10
N ARG A 75 5.98 -16.73 -3.15
CA ARG A 75 5.09 -15.62 -3.46
C ARG A 75 5.90 -14.33 -3.35
N ASP A 76 6.87 -14.24 -4.27
CA ASP A 76 7.84 -13.17 -4.40
C ASP A 76 7.43 -12.30 -5.60
N LEU A 77 8.35 -11.46 -6.11
CA LEU A 77 8.02 -10.50 -7.18
C LEU A 77 7.94 -11.08 -8.55
N VAL A 78 8.36 -12.35 -8.74
CA VAL A 78 8.41 -12.92 -10.11
C VAL A 78 7.92 -14.33 -10.28
N THR A 79 8.16 -15.16 -9.28
CA THR A 79 7.98 -16.61 -9.37
C THR A 79 6.57 -17.02 -9.75
N PRO A 80 5.51 -16.35 -9.20
CA PRO A 80 4.17 -16.86 -9.56
C PRO A 80 3.85 -16.66 -11.01
N ARG A 81 4.53 -15.71 -11.62
CA ARG A 81 4.46 -15.44 -13.07
C ARG A 81 5.49 -16.26 -13.83
N ASN A 82 6.73 -16.32 -13.33
CA ASN A 82 7.82 -17.05 -14.01
C ASN A 82 8.90 -17.55 -13.03
N PRO A 83 8.80 -18.79 -12.59
CA PRO A 83 9.77 -19.30 -11.63
C PRO A 83 11.23 -19.34 -12.15
N ARG A 84 11.44 -19.23 -13.45
CA ARG A 84 12.78 -19.29 -14.01
C ARG A 84 13.43 -17.92 -14.07
N SER A 85 12.70 -16.90 -13.69
CA SER A 85 13.25 -15.55 -13.65
C SER A 85 14.54 -15.50 -12.85
N ARG A 86 15.47 -14.66 -13.27
CA ARG A 86 16.68 -14.51 -12.50
C ARG A 86 16.50 -13.64 -11.25
N PHE A 87 15.29 -13.12 -11.05
CA PHE A 87 14.95 -12.29 -9.87
C PHE A 87 14.17 -12.99 -8.77
N SER A 88 14.08 -14.31 -8.84
CA SER A 88 13.41 -15.10 -7.81
C SER A 88 14.12 -15.03 -6.46
N PHE A 89 13.39 -15.26 -5.39
CA PHE A 89 13.94 -15.26 -4.06
C PHE A 89 14.94 -16.39 -3.90
N ALA A 90 14.71 -17.53 -4.54
CA ALA A 90 15.68 -18.60 -4.56
C ALA A 90 17.02 -18.15 -5.16
N TYR A 92 18.00 -15.04 -5.22
CA TYR A 92 18.51 -14.13 -4.19
C TYR A 92 19.22 -14.89 -3.09
N LEU A 93 18.62 -15.93 -2.57
CA LEU A 93 19.26 -16.64 -1.47
C LEU A 93 20.56 -17.26 -1.92
N LYS A 94 20.56 -17.81 -3.12
CA LYS A 94 21.74 -18.48 -3.63
C LYS A 94 22.86 -17.45 -3.85
N ASP A 95 22.54 -16.29 -4.37
CA ASP A 95 23.55 -15.27 -4.56
C ASP A 95 24.15 -14.84 -3.22
N GLN A 96 23.34 -14.84 -2.14
CA GLN A 96 23.83 -14.33 -0.87
C GLN A 96 24.42 -15.44 -0.03
N GLY A 97 24.36 -16.67 -0.52
CA GLY A 97 24.91 -17.84 0.17
C GLY A 97 24.08 -18.32 1.36
N ARG A 98 22.78 -18.06 1.35
CA ARG A 98 21.95 -18.34 2.52
C ARG A 98 20.85 -19.36 2.30
N PHE A 100 20.66 -22.71 2.37
CA PHE A 100 20.51 -23.70 3.40
C PHE A 100 20.04 -23.11 4.72
N ASP A 101 20.68 -22.06 5.21
CA ASP A 101 20.31 -21.54 6.50
C ASP A 101 18.89 -21.00 6.48
N PHE A 102 18.46 -20.46 5.37
CA PHE A 102 17.11 -19.95 5.31
C PHE A 102 16.10 -21.06 5.62
N GLY A 103 16.32 -22.23 5.04
CA GLY A 103 15.47 -23.36 5.27
C GLY A 103 15.43 -23.85 6.69
N LEU A 104 16.54 -23.71 7.41
CA LEU A 104 16.60 -24.13 8.79
C LEU A 104 15.84 -23.19 9.69
N LEU A 105 15.48 -22.01 9.24
CA LEU A 105 14.85 -21.07 10.14
C LEU A 105 13.51 -21.64 10.65
N GLY A 106 12.75 -22.27 9.75
CA GLY A 106 11.43 -22.73 10.11
C GLY A 106 10.37 -21.64 10.29
N ARG A 107 10.68 -20.42 9.87
CA ARG A 107 9.73 -19.33 9.93
C ARG A 107 9.73 -18.64 8.58
N PRO A 108 8.72 -17.79 8.33
CA PRO A 108 8.78 -17.03 7.09
C PRO A 108 9.85 -15.96 7.20
N ALA A 109 10.27 -15.45 6.05
CA ALA A 109 11.28 -14.47 5.91
C ALA A 109 10.80 -13.23 6.59
N SER A 110 11.72 -12.42 7.11
CA SER A 110 11.35 -11.23 7.82
C SER A 110 11.12 -10.09 6.85
N ARG A 111 10.39 -9.10 7.33
CA ARG A 111 10.27 -7.86 6.61
C ARG A 111 11.62 -7.32 6.15
N HIS A 112 12.58 -7.34 7.04
CA HIS A 112 13.92 -6.81 6.72
C HIS A 112 14.55 -7.60 5.55
N GLU A 113 14.38 -8.93 5.56
CA GLU A 113 14.88 -9.74 4.47
C GLU A 113 14.16 -9.45 3.14
N TRP A 114 12.84 -9.36 3.18
CA TRP A 114 12.10 -9.00 1.95
C TRP A 114 12.50 -7.63 1.40
N SER A 115 12.75 -6.65 2.27
CA SER A 115 13.32 -5.35 1.84
C SER A 115 14.63 -5.50 1.11
N ASP A 116 15.57 -6.21 1.74
CA ASP A 116 16.85 -6.49 1.11
C ASP A 116 16.70 -7.15 -0.24
N TYR A 117 15.83 -8.16 -0.30
CA TYR A 117 15.51 -8.82 -1.59
C TYR A 117 15.06 -7.79 -2.59
N LEU A 118 14.16 -6.93 -2.15
CA LEU A 118 13.57 -5.97 -3.03
C LEU A 118 14.61 -4.99 -3.57
N GLY A 119 15.53 -4.54 -2.72
CA GLY A 119 16.69 -3.74 -3.20
C GLY A 119 17.56 -4.56 -4.14
N TRP A 120 17.70 -5.85 -3.88
CA TRP A 120 18.54 -6.68 -4.72
C TRP A 120 17.95 -6.81 -6.11
N VAL A 121 16.64 -6.90 -6.20
CA VAL A 121 16.00 -6.94 -7.53
C VAL A 121 16.03 -5.57 -8.20
N SER A 122 15.62 -4.56 -7.45
CA SER A 122 15.63 -3.20 -7.98
C SER A 122 16.95 -2.88 -8.66
N ARG A 123 18.05 -3.05 -7.93
CA ARG A 123 19.41 -2.78 -8.45
C ARG A 123 19.73 -3.43 -9.77
N GLN A 124 19.00 -4.47 -10.14
CA GLN A 124 19.28 -5.22 -11.36
C GLN A 124 18.39 -4.81 -12.49
N VAL A 125 17.27 -4.14 -12.21
CA VAL A 125 16.29 -3.76 -13.27
C VAL A 125 15.95 -2.27 -13.34
N ASP A 126 16.76 -1.43 -12.70
CA ASP A 126 16.47 -0.01 -12.60
C ASP A 126 17.17 0.86 -13.64
N GLY A 127 17.83 0.26 -14.63
CA GLY A 127 18.48 1.02 -15.72
C GLY A 127 17.59 2.00 -16.50
N HIS A 128 16.27 1.93 -16.34
CA HIS A 128 15.36 2.87 -17.01
C HIS A 128 14.55 3.64 -15.99
N THR A 129 15.07 3.73 -14.79
CA THR A 129 14.33 4.41 -13.76
C THR A 129 14.99 5.72 -13.44
N ARG A 130 14.18 6.78 -13.40
CA ARG A 130 14.63 8.06 -12.90
C ARG A 130 14.04 8.31 -11.52
N PHE A 131 14.91 8.25 -10.49
CA PHE A 131 14.51 8.55 -9.11
C PHE A 131 14.52 10.07 -8.81
N ASP A 132 14.02 10.46 -7.63
CA ASP A 132 13.91 11.88 -7.23
C ASP A 132 13.23 12.71 -8.31
N THR A 133 12.25 12.10 -8.95
CA THR A 133 11.65 12.63 -10.15
C THR A 133 10.12 12.51 -10.01
N PRO A 134 9.50 13.41 -9.22
CA PRO A 134 8.04 13.36 -9.00
C PRO A 134 7.23 13.80 -10.21
N VAL A 135 6.05 13.23 -10.41
CA VAL A 135 5.18 13.72 -11.44
C VAL A 135 4.31 14.76 -10.76
N THR A 136 4.30 15.96 -11.30
CA THR A 136 3.53 17.06 -10.76
C THR A 136 2.21 17.16 -11.50
N GLU A 137 2.26 16.94 -12.82
CA GLU A 137 1.03 16.96 -13.64
C GLU A 137 1.16 16.06 -14.87
N ILE A 138 0.02 15.64 -15.41
CA ILE A 138 -0.06 14.93 -16.69
C ILE A 138 -1.01 15.68 -17.64
N ASP A 139 -0.47 16.27 -18.71
CA ASP A 139 -1.26 17.12 -19.65
C ASP A 139 -1.70 16.36 -20.90
N PRO A 140 -2.94 16.59 -21.35
CA PRO A 140 -3.37 15.93 -22.59
C PRO A 140 -2.68 16.52 -23.83
N VAL A 141 -2.77 15.78 -24.93
CA VAL A 141 -2.32 16.24 -26.24
C VAL A 141 -3.43 15.83 -27.21
N ILE A 142 -4.18 16.82 -27.70
CA ILE A 142 -5.29 16.61 -28.64
C ILE A 142 -4.80 17.06 -30.03
N ARG A 143 -5.27 16.38 -31.07
CA ARG A 143 -4.77 16.64 -32.43
C ARG A 143 -5.88 16.79 -33.46
N ASN A 144 -6.78 15.80 -33.52
CA ASN A 144 -7.91 15.85 -34.44
C ASN A 144 -9.22 15.95 -33.67
N GLY A 145 -9.23 16.76 -32.61
CA GLY A 145 -10.37 16.79 -31.68
C GLY A 145 -10.50 15.53 -30.82
N ARG A 146 -9.45 14.68 -30.82
CA ARG A 146 -9.43 13.44 -30.05
C ARG A 146 -8.05 13.29 -29.39
N LEU A 147 -8.01 12.70 -28.19
CA LEU A 147 -6.76 12.58 -27.41
C LEU A 147 -5.82 11.52 -28.01
N GLN A 148 -4.62 11.93 -28.40
CA GLN A 148 -3.63 11.05 -29.06
C GLN A 148 -2.38 10.72 -28.21
N GLU A 149 -2.00 11.59 -27.28
CA GLU A 149 -0.82 11.43 -26.41
C GLU A 149 -1.06 12.08 -25.05
N VAL A 150 -0.16 11.83 -24.09
CA VAL A 150 -0.14 12.59 -22.83
C VAL A 150 1.25 13.03 -22.57
N ARG A 151 1.40 14.11 -21.82
CA ARG A 151 2.70 14.64 -21.53
C ARG A 151 2.84 14.59 -20.05
N VAL A 152 3.71 13.73 -19.59
CA VAL A 152 3.95 13.58 -18.16
C VAL A 152 4.97 14.64 -17.82
N ARG A 153 4.63 15.47 -16.84
CA ARG A 153 5.46 16.62 -16.52
C ARG A 153 6.15 16.40 -15.19
N THR A 154 7.46 16.64 -15.16
CA THR A 154 8.25 16.53 -13.94
C THR A 154 9.16 17.76 -13.75
N PRO A 155 9.73 17.91 -12.53
CA PRO A 155 10.72 18.98 -12.31
C PRO A 155 11.96 18.89 -13.21
N GLN A 156 12.28 17.70 -13.71
CA GLN A 156 13.47 17.49 -14.54
C GLN A 156 13.10 17.30 -16.01
N GLY A 157 11.95 17.82 -16.43
CA GLY A 157 11.54 17.75 -17.83
C GLY A 157 10.18 17.12 -18.07
N SER A 158 9.93 16.70 -19.30
CA SER A 158 8.63 16.16 -19.69
C SER A 158 8.78 14.94 -20.59
N PHE A 159 7.75 14.08 -20.58
CA PHE A 159 7.78 12.80 -21.33
C PHE A 159 6.45 12.50 -21.98
N ALA A 160 6.52 11.96 -23.19
CA ALA A 160 5.34 11.76 -24.02
C ALA A 160 5.12 10.27 -24.31
N THR A 161 3.86 9.84 -24.27
CA THR A 161 3.54 8.43 -24.48
C THR A 161 2.07 8.24 -24.78
N ARG A 162 1.75 7.17 -25.50
CA ARG A 162 0.36 6.70 -25.63
C ARG A 162 -0.02 5.69 -24.52
N ASN A 163 0.96 5.22 -23.75
CA ASN A 163 0.72 4.10 -22.84
C ASN A 163 1.20 4.42 -21.45
N LEU A 164 0.26 4.50 -20.50
CA LEU A 164 0.58 4.99 -19.17
C LEU A 164 0.20 3.96 -18.10
N VAL A 165 1.11 3.70 -17.16
CA VAL A 165 0.85 2.80 -16.03
C VAL A 165 1.02 3.59 -14.74
N LEU A 166 0.01 3.55 -13.87
CA LEU A 166 0.12 4.24 -12.59
C LEU A 166 0.35 3.20 -11.56
N SER A 167 1.51 3.27 -10.92
CA SER A 167 2.00 2.27 -9.95
C SER A 167 2.48 3.02 -8.73
N SER A 168 1.80 4.12 -8.41
CA SER A 168 2.19 5.02 -7.32
C SER A 168 1.27 4.83 -6.10
N GLY A 169 0.01 4.43 -6.35
CA GLY A 169 -0.92 4.04 -5.28
C GLY A 169 -1.96 5.08 -4.94
N SER A 170 -2.05 5.41 -3.64
CA SER A 170 -3.06 6.33 -3.10
C SER A 170 -2.55 7.00 -1.84
N ALA A 171 -3.35 7.86 -1.22
CA ALA A 171 -2.87 8.71 -0.10
C ALA A 171 -3.46 8.36 1.27
N PRO A 172 -2.75 8.71 2.35
CA PRO A 172 -3.28 8.51 3.70
C PRO A 172 -4.68 9.08 3.91
N ARG A 173 -5.57 8.31 4.53
CA ARG A 173 -6.86 8.80 4.95
C ARG A 173 -6.66 9.57 6.26
N ILE A 174 -6.89 10.87 6.21
CA ILE A 174 -6.88 11.74 7.39
C ILE A 174 -8.27 12.34 7.56
N PRO A 175 -9.04 11.86 8.55
CA PRO A 175 -10.33 12.51 8.76
C PRO A 175 -10.17 14.00 9.01
N GLN A 176 -11.14 14.79 8.52
CA GLN A 176 -11.20 16.24 8.72
C GLN A 176 -10.83 16.72 10.14
N ALA A 177 -11.34 16.05 11.17
CA ALA A 177 -11.06 16.42 12.56
C ALA A 177 -9.55 16.55 12.89
N PHE A 178 -8.71 15.87 12.11
CA PHE A 178 -7.27 15.81 12.40
C PHE A 178 -6.38 16.67 11.50
N GLU A 179 -6.87 17.10 10.34
CA GLU A 179 -6.00 17.77 9.36
C GLU A 179 -5.18 18.95 9.91
N ALA A 180 -5.81 19.79 10.73
CA ALA A 180 -5.11 20.95 11.31
C ALA A 180 -4.06 20.53 12.31
N LEU A 181 -4.18 19.29 12.81
CA LEU A 181 -3.34 18.80 13.90
C LEU A 181 -2.10 18.05 13.43
N LEU A 182 -2.09 17.58 12.18
CA LEU A 182 -0.93 16.84 11.66
C LEU A 182 0.36 17.55 12.01
N GLY A 183 1.28 16.82 12.63
CA GLY A 183 2.51 17.38 13.13
C GLY A 183 3.40 16.35 13.81
N PRO A 184 4.45 16.82 14.48
CA PRO A 184 5.40 15.92 15.14
C PRO A 184 4.78 15.00 16.22
N THR A 185 3.69 15.42 16.84
CA THR A 185 3.05 14.66 17.90
C THR A 185 1.70 14.05 17.52
N LEU A 186 1.23 14.26 16.30
CA LEU A 186 0.06 13.56 15.81
C LEU A 186 0.29 13.26 14.36
N PHE A 187 0.39 11.98 14.01
CA PHE A 187 0.77 11.62 12.63
C PHE A 187 0.17 10.33 12.16
N HIS A 188 0.25 10.14 10.83
CA HIS A 188 -0.26 8.91 10.21
C HIS A 188 0.80 7.85 10.29
N THR A 189 0.38 6.58 10.23
CA THR A 189 1.31 5.46 10.29
C THR A 189 2.34 5.46 9.17
N SER A 190 2.02 6.07 8.03
CA SER A 190 2.92 6.10 6.87
C SER A 190 4.20 6.91 7.14
N ARG A 191 4.22 7.71 8.20
CA ARG A 191 5.38 8.48 8.56
C ARG A 191 5.82 8.11 9.98
N PHE A 192 5.41 6.92 10.44
CA PHE A 192 5.66 6.49 11.83
C PHE A 192 7.14 6.51 12.20
N LEU A 193 7.98 6.00 11.33
CA LEU A 193 9.40 5.88 11.63
C LEU A 193 10.06 7.23 11.64
N THR A 194 9.82 8.01 10.59
CA THR A 194 10.37 9.36 10.48
C THR A 194 9.99 10.18 11.70
N ARG A 195 8.71 10.14 12.07
CA ARG A 195 8.20 10.93 13.19
C ARG A 195 8.81 10.50 14.51
N LEU A 196 8.88 9.19 14.75
CA LEU A 196 9.54 8.67 15.96
C LEU A 196 10.99 9.10 16.08
N GLN A 197 11.66 9.21 14.94
CA GLN A 197 13.08 9.53 14.95
C GLN A 197 13.30 10.97 15.40
N ALA A 198 12.40 11.86 14.99
CA ALA A 198 12.42 13.26 15.38
C ALA A 198 12.45 13.49 16.90
N PHE A 199 11.95 12.55 17.69
CA PHE A 199 12.00 12.67 19.15
C PHE A 199 13.38 12.42 19.72
N GLY A 200 14.28 11.90 18.90
CA GLY A 200 15.62 11.61 19.37
C GLY A 200 15.60 10.58 20.48
N LYS A 201 16.17 10.95 21.61
CA LYS A 201 16.53 10.01 22.63
C LYS A 201 15.44 9.87 23.66
N GLN A 202 14.34 10.59 23.50
CA GLN A 202 13.26 10.51 24.50
C GLN A 202 11.91 10.59 23.85
N LEU A 203 11.19 9.49 23.94
CA LEU A 203 9.81 9.47 23.48
C LEU A 203 8.87 9.98 24.56
N PRO A 204 7.75 10.61 24.17
CA PRO A 204 6.69 10.88 25.16
C PRO A 204 6.04 9.62 25.72
N LYS A 205 5.48 9.75 26.91
CA LYS A 205 5.02 8.60 27.68
C LYS A 205 3.65 8.06 27.26
N ARG A 206 2.70 8.96 26.98
CA ARG A 206 1.30 8.60 26.82
C ARG A 206 0.94 8.70 25.36
N TRP A 207 0.52 7.58 24.77
CA TRP A 207 0.23 7.53 23.35
C TRP A 207 -1.19 7.06 23.14
N LEU A 208 -1.82 7.57 22.10
CA LEU A 208 -3.08 7.03 21.61
C LEU A 208 -2.83 6.54 20.23
N VAL A 209 -3.24 5.31 19.94
CA VAL A 209 -3.11 4.75 18.60
C VAL A 209 -4.49 4.34 18.09
N LEU A 210 -4.94 4.97 17.03
CA LEU A 210 -6.26 4.74 16.46
C LEU A 210 -6.17 3.71 15.36
N GLY A 211 -6.97 2.67 15.42
CA GLY A 211 -7.07 1.73 14.31
C GLY A 211 -6.88 0.28 14.70
N SER A 212 -7.28 -0.60 13.81
CA SER A 212 -7.38 -2.03 14.11
C SER A 212 -6.56 -2.95 13.20
N GLY A 213 -5.96 -2.43 12.15
CA GLY A 213 -5.14 -3.23 11.24
C GLY A 213 -3.68 -3.41 11.65
N GLN A 214 -2.90 -3.97 10.73
CA GLN A 214 -1.52 -4.31 11.01
C GLN A 214 -0.66 -3.09 11.27
N SER A 215 -0.93 -1.98 10.61
CA SER A 215 -0.12 -0.78 10.84
C SER A 215 -0.31 -0.31 12.27
N ALA A 216 -1.54 -0.37 12.76
CA ALA A 216 -1.84 -0.06 14.14
C ALA A 216 -1.13 -1.01 15.10
N SER A 217 -1.16 -2.28 14.79
CA SER A 217 -0.54 -3.28 15.65
C SER A 217 0.96 -3.02 15.77
N GLU A 218 1.61 -2.87 14.62
CA GLU A 218 3.03 -2.70 14.60
C GLU A 218 3.50 -1.40 15.29
N SER A 219 2.68 -0.38 15.22
CA SER A 219 2.98 0.87 15.89
C SER A 219 2.91 0.68 17.36
N VAL A 220 1.87 -0.01 17.80
CA VAL A 220 1.71 -0.28 19.19
C VAL A 220 2.92 -1.05 19.69
N LEU A 221 3.25 -2.12 18.99
CA LEU A 221 4.36 -2.96 19.39
C LEU A 221 5.65 -2.18 19.49
N GLU A 222 5.88 -1.30 18.53
CA GLU A 222 7.14 -0.59 18.47
C GLU A 222 7.19 0.39 19.64
N LEU A 223 6.07 1.03 19.95
CA LEU A 223 6.04 1.97 21.06
C LEU A 223 6.30 1.27 22.39
N VAL A 224 5.53 0.22 22.72
CA VAL A 224 5.77 -0.46 23.99
C VAL A 224 7.13 -1.18 24.00
N SER A 225 7.72 -1.42 22.83
CA SER A 225 9.06 -1.99 22.77
C SER A 225 10.16 -0.98 23.08
N ARG A 226 9.96 0.28 22.76
CA ARG A 226 11.08 1.20 22.78
C ARG A 226 11.37 1.73 24.16
N ASP A 227 10.41 1.63 25.08
CA ASP A 227 10.51 2.36 26.33
C ASP A 227 9.54 1.75 27.31
N PRO A 228 10.04 1.29 28.46
CA PRO A 228 9.17 0.53 29.36
C PRO A 228 8.13 1.32 30.14
N ALA A 229 8.18 2.64 30.07
CA ALA A 229 7.21 3.44 30.80
C ALA A 229 6.09 3.97 29.90
N ILE A 230 6.25 3.84 28.58
CA ILE A 230 5.23 4.26 27.62
C ILE A 230 3.90 3.54 27.86
N GLU A 231 2.82 4.30 27.81
CA GLU A 231 1.47 3.77 27.92
C GLU A 231 0.71 4.04 26.62
N VAL A 232 -0.01 3.04 26.14
CA VAL A 232 -0.62 3.16 24.85
C VAL A 232 -2.11 2.94 25.02
N HIS A 233 -2.90 3.86 24.46
CA HIS A 233 -4.35 3.71 24.40
C HIS A 233 -4.76 3.41 22.98
N SER A 234 -5.33 2.24 22.78
CA SER A 234 -5.59 1.65 21.51
C SER A 234 -7.07 1.64 21.31
N VAL A 235 -7.52 2.46 20.36
CA VAL A 235 -8.94 2.70 20.10
C VAL A 235 -9.37 2.03 18.81
N HIS A 236 -10.48 1.28 18.90
CA HIS A 236 -10.99 0.48 17.79
C HIS A 236 -12.44 0.82 17.48
N ARG A 237 -12.76 0.97 16.21
CA ARG A 237 -14.13 1.24 15.78
C ARG A 237 -15.04 0.06 16.10
N CYS A 238 -14.48 -1.15 16.04
CA CYS A 238 -15.22 -2.35 16.33
C CYS A 238 -14.52 -3.08 17.50
N ALA A 239 -14.38 -4.41 17.44
CA ALA A 239 -13.62 -5.14 18.46
C ALA A 239 -12.13 -4.92 18.28
N GLY A 240 -11.38 -5.18 19.33
CA GLY A 240 -9.95 -4.90 19.27
C GLY A 240 -9.14 -5.90 18.47
N PHE A 241 -7.85 -5.89 18.74
CA PHE A 241 -6.90 -6.73 18.06
C PHE A 241 -7.18 -8.22 18.28
N LYS A 242 -7.73 -8.61 19.43
CA LYS A 242 -7.91 -10.05 19.74
C LYS A 242 -8.97 -10.74 18.86
N LEU A 243 -9.81 -9.92 18.23
CA LEU A 243 -10.80 -10.44 17.34
C LEU A 243 -10.56 -10.08 15.85
N THR A 244 -9.39 -9.52 15.49
CA THR A 244 -9.06 -9.37 14.07
C THR A 244 -8.84 -10.71 13.36
N GLN A 245 -8.98 -10.68 12.04
CA GLN A 245 -8.69 -11.85 11.25
C GLN A 245 -7.18 -12.10 11.30
N LEU A 246 -6.81 -13.37 11.34
CA LEU A 246 -5.42 -13.77 11.28
C LEU A 246 -4.99 -13.90 9.82
N GLY A 247 -4.05 -13.05 9.42
CA GLY A 247 -3.56 -12.99 8.05
C GLY A 247 -4.35 -11.99 7.23
N GLN A 248 -3.68 -11.22 6.38
CA GLN A 248 -4.36 -10.30 5.47
C GLN A 248 -4.96 -11.14 4.37
N PHE A 249 -5.93 -10.57 3.66
CA PHE A 249 -6.80 -11.31 2.75
C PHE A 249 -6.01 -12.12 1.73
N PRO A 250 -5.05 -11.49 1.05
CA PRO A 250 -4.32 -12.22 0.00
C PRO A 250 -3.49 -13.43 0.50
N ASN A 251 -3.27 -13.50 1.82
CA ASN A 251 -2.62 -14.66 2.43
C ASN A 251 -3.58 -15.74 2.94
N ARG A 252 -4.87 -15.48 2.85
CA ARG A 252 -5.88 -16.46 3.25
C ARG A 252 -6.51 -17.13 2.07
N VAL A 253 -6.65 -16.42 0.95
CA VAL A 253 -7.26 -16.96 -0.26
C VAL A 253 -6.54 -16.46 -1.49
N PHE A 254 -6.74 -17.15 -2.61
CA PHE A 254 -6.14 -16.74 -3.90
C PHE A 254 -6.98 -15.58 -4.39
N ALA A 255 -6.47 -14.37 -4.17
CA ALA A 255 -7.21 -13.12 -4.50
C ALA A 255 -7.73 -13.05 -5.93
N PRO A 256 -6.93 -13.42 -6.95
CA PRO A 256 -7.48 -13.32 -8.30
C PRO A 256 -8.82 -14.02 -8.55
N ASP A 257 -9.11 -15.12 -7.86
CA ASP A 257 -10.42 -15.76 -7.98
C ASP A 257 -11.55 -14.86 -7.46
N HIS A 258 -11.26 -14.09 -6.41
CA HIS A 258 -12.20 -13.16 -5.83
C HIS A 258 -12.32 -11.90 -6.69
N VAL A 259 -11.21 -11.46 -7.27
CA VAL A 259 -11.25 -10.38 -8.23
C VAL A 259 -12.11 -10.84 -9.42
N ASP A 260 -11.91 -12.09 -9.91
CA ASP A 260 -12.77 -12.63 -11.04
C ASP A 260 -14.25 -12.54 -10.69
N TYR A 261 -14.61 -13.08 -9.53
CA TYR A 261 -16.01 -13.13 -9.15
C TYR A 261 -16.54 -11.71 -9.13
N PHE A 262 -15.83 -10.76 -8.52
CA PHE A 262 -16.26 -9.37 -8.45
C PHE A 262 -16.49 -8.76 -9.84
N HIS A 263 -15.60 -9.00 -10.78
CA HIS A 263 -15.84 -8.53 -12.16
C HIS A 263 -17.02 -9.18 -12.86
N SER A 264 -17.34 -10.42 -12.50
CA SER A 264 -18.50 -11.10 -13.08
C SER A 264 -19.86 -10.55 -12.62
N LEU A 265 -19.85 -9.70 -11.58
CA LEU A 265 -21.07 -9.05 -11.13
C LEU A 265 -21.33 -7.78 -11.91
N ASN A 266 -22.62 -7.48 -12.16
CA ASN A 266 -22.98 -6.20 -12.75
C ASN A 266 -22.89 -5.12 -11.67
N PRO A 267 -22.88 -3.82 -12.08
CA PRO A 267 -22.63 -2.79 -11.07
C PRO A 267 -23.61 -2.80 -9.89
N ALA A 268 -24.88 -3.12 -10.11
CA ALA A 268 -25.86 -3.12 -9.00
C ALA A 268 -25.47 -4.20 -7.99
N ALA A 269 -25.08 -5.37 -8.50
CA ALA A 269 -24.68 -6.48 -7.63
C ALA A 269 -23.34 -6.17 -6.89
N ARG A 270 -22.40 -5.55 -7.59
CA ARG A 270 -21.15 -5.10 -6.95
C ARG A 270 -21.36 -4.23 -5.72
N GLN A 271 -22.29 -3.29 -5.80
CA GLN A 271 -22.60 -2.43 -4.66
C GLN A 271 -23.21 -3.23 -3.51
N ARG A 272 -24.14 -4.14 -3.82
CA ARG A 272 -24.67 -5.06 -2.81
C ARG A 272 -23.54 -5.90 -2.19
N PHE A 273 -22.58 -6.32 -3.01
CA PHE A 273 -21.44 -7.09 -2.53
C PHE A 273 -20.56 -6.27 -1.61
N LEU A 274 -20.25 -5.02 -1.98
CA LEU A 274 -19.42 -4.17 -1.15
C LEU A 274 -20.10 -3.79 0.16
N ASP A 275 -21.40 -3.57 0.12
CA ASP A 275 -22.14 -3.30 1.37
C ASP A 275 -22.08 -4.47 2.35
N TRP A 276 -22.27 -5.69 1.85
CA TRP A 276 -22.03 -6.87 2.67
C TRP A 276 -20.54 -6.92 3.08
N SER A 277 -19.65 -6.86 2.09
CA SER A 277 -18.21 -6.94 2.33
C SER A 277 -17.68 -5.93 3.38
N ARG A 278 -18.14 -4.70 3.28
CA ARG A 278 -17.76 -3.66 4.25
C ARG A 278 -18.28 -3.89 5.67
N SER A 279 -19.45 -4.50 5.81
CA SER A 279 -19.99 -4.81 7.14
C SER A 279 -19.39 -6.12 7.72
N THR A 280 -18.92 -7.00 6.85
CA THR A 280 -18.18 -8.19 7.29
C THR A 280 -16.87 -7.76 7.91
N ASN A 281 -16.26 -6.70 7.38
CA ASN A 281 -15.21 -5.99 8.11
C ASN A 281 -13.84 -6.73 8.13
N TYR A 282 -13.54 -7.56 7.12
CA TYR A 282 -12.25 -8.28 7.06
C TYR A 282 -11.07 -7.32 7.07
N ALA A 283 -10.37 -7.29 8.19
CA ALA A 283 -9.08 -6.59 8.31
C ALA A 283 -8.15 -7.50 9.12
N GLY A 284 -7.03 -7.87 8.53
CA GLY A 284 -6.26 -9.00 9.03
C GLY A 284 -4.86 -8.60 9.45
N ILE A 285 -4.32 -9.31 10.41
CA ILE A 285 -3.01 -9.03 10.96
C ILE A 285 -2.18 -10.32 10.95
N ASP A 286 -0.95 -10.23 10.47
CA ASP A 286 0.03 -11.34 10.52
C ASP A 286 -0.10 -11.98 11.89
N PRO A 287 -0.41 -13.31 11.97
CA PRO A 287 -0.53 -13.96 13.28
C PRO A 287 0.72 -13.86 14.14
N ASP A 288 1.92 -13.77 13.56
CA ASP A 288 3.14 -13.57 14.37
C ASP A 288 3.22 -12.17 14.96
N GLU A 289 2.65 -11.19 14.26
CA GLU A 289 2.59 -9.82 14.82
C GLU A 289 1.66 -9.75 16.03
N ARG A 290 0.47 -10.32 15.91
CA ARG A 290 -0.45 -10.44 17.04
C ARG A 290 0.23 -11.13 18.20
N GLN A 291 0.90 -12.23 17.90
CA GLN A 291 1.59 -12.99 18.92
C GLN A 291 2.67 -12.15 19.59
N LYS A 292 3.42 -11.37 18.84
CA LYS A 292 4.52 -10.58 19.45
C LYS A 292 3.94 -9.57 20.43
N LEU A 293 2.87 -8.92 19.99
CA LEU A 293 2.25 -7.88 20.81
C LEU A 293 1.61 -8.49 22.03
N PHE A 294 0.84 -9.54 21.86
CA PHE A 294 0.19 -10.19 23.03
C PHE A 294 1.22 -10.77 24.05
N SER A 295 2.27 -11.41 23.55
CA SER A 295 3.31 -11.97 24.43
C SER A 295 4.04 -10.90 25.26
N LEU A 296 4.38 -9.78 24.63
CA LEU A 296 5.10 -8.72 25.30
C LEU A 296 4.25 -8.05 26.36
N ILE A 297 2.99 -7.78 26.05
CA ILE A 297 2.08 -7.21 27.01
C ILE A 297 1.98 -8.18 28.17
N TYR A 298 1.78 -9.45 27.89
CA TYR A 298 1.65 -10.46 28.96
C TYR A 298 2.87 -10.49 29.88
N GLU A 299 4.08 -10.55 29.30
CA GLU A 299 5.31 -10.54 30.09
C GLU A 299 5.41 -9.29 30.96
N ASP A 300 5.14 -8.12 30.36
CA ASP A 300 5.02 -6.88 31.12
C ASP A 300 4.13 -7.00 32.35
N SER A 301 3.00 -7.67 32.22
CA SER A 301 2.01 -7.75 33.31
C SER A 301 2.46 -8.61 34.47
N ILE A 302 3.45 -9.47 34.25
CA ILE A 302 3.95 -10.30 35.33
C ILE A 302 4.57 -9.42 36.40
N ALA A 303 5.28 -8.38 35.99
CA ALA A 303 5.89 -7.40 36.86
C ALA A 303 4.97 -6.27 37.34
N GLY A 304 3.71 -6.26 36.90
CA GLY A 304 2.69 -5.32 37.39
C GLY A 304 2.34 -4.24 36.40
N ARG A 305 3.19 -4.02 35.41
CA ARG A 305 2.91 -3.01 34.40
C ARG A 305 1.81 -3.48 33.48
N THR A 306 0.67 -2.81 33.50
CA THR A 306 -0.36 -3.01 32.48
C THR A 306 -0.40 -1.73 31.64
N ARG A 307 0.18 -1.79 30.43
CA ARG A 307 0.54 -0.58 29.69
C ARG A 307 -0.15 -0.38 28.34
N LEU A 308 -0.98 -1.35 27.96
CA LEU A 308 -1.82 -1.25 26.79
C LEU A 308 -3.27 -1.22 27.25
N HIS A 309 -4.00 -0.17 26.89
CA HIS A 309 -5.42 -0.04 27.25
C HIS A 309 -6.25 -0.09 25.97
N THR A 310 -7.24 -0.97 25.95
CA THR A 310 -8.07 -1.18 24.77
C THR A 310 -9.48 -0.55 24.91
N TYR A 311 -9.97 0.16 23.89
CA TYR A 311 -11.33 0.71 23.92
C TYR A 311 -12.02 0.23 22.65
N ALA A 312 -12.90 -0.77 22.78
CA ALA A 312 -13.63 -1.26 21.62
C ALA A 312 -14.87 -0.38 21.29
N TYR A 313 -15.43 -0.58 20.11
CA TYR A 313 -16.69 0.03 19.72
C TYR A 313 -16.67 1.51 19.93
N SER A 314 -15.51 2.15 19.69
CA SER A 314 -15.32 3.55 20.01
C SER A 314 -14.87 4.42 18.86
N VAL A 315 -15.30 5.68 18.90
CA VAL A 315 -14.80 6.69 18.01
C VAL A 315 -14.30 7.85 18.81
N ILE A 316 -13.44 8.65 18.18
CA ILE A 316 -13.00 9.90 18.73
C ILE A 316 -14.02 10.92 18.31
N SER A 317 -14.70 11.49 19.29
CA SER A 317 -15.80 12.42 19.10
C SER A 317 -15.36 13.88 19.34
N ALA A 318 -14.23 14.07 19.98
CA ALA A 318 -13.58 15.40 20.09
C ALA A 318 -12.11 15.25 20.46
N ILE A 319 -11.30 16.20 20.01
CA ILE A 319 -9.87 16.23 20.32
C ILE A 319 -9.37 17.66 20.27
N GLU A 320 -8.52 18.05 21.22
CA GLU A 320 -7.87 19.35 21.12
C GLU A 320 -6.46 19.28 21.63
N HIS A 321 -5.63 20.11 21.02
CA HIS A 321 -4.24 20.23 21.39
C HIS A 321 -4.17 21.32 22.46
N THR A 322 -3.74 20.95 23.65
CA THR A 322 -3.49 21.90 24.70
C THR A 322 -1.98 22.01 24.95
N ALA A 323 -1.63 22.79 25.97
CA ALA A 323 -0.25 22.94 26.39
C ALA A 323 0.27 21.67 27.05
N ASP A 324 -0.63 20.81 27.52
CA ASP A 324 -0.23 19.56 28.17
C ASP A 324 -0.54 18.29 27.34
N GLY A 325 -0.41 18.37 26.01
CA GLY A 325 -0.71 17.26 25.11
C GLY A 325 -2.08 17.34 24.43
N TYR A 326 -2.76 16.21 24.34
CA TYR A 326 -4.07 16.15 23.71
C TYR A 326 -5.11 15.71 24.71
N ARG A 327 -6.31 16.29 24.58
CA ARG A 327 -7.48 15.90 25.34
C ARG A 327 -8.44 15.25 24.35
N VAL A 328 -8.65 13.95 24.51
CA VAL A 328 -9.37 13.16 23.51
C VAL A 328 -10.65 12.59 24.10
N GLU A 329 -11.77 12.87 23.45
CA GLU A 329 -13.04 12.35 23.91
C GLU A 329 -13.40 11.17 23.05
N LEU A 330 -13.62 10.02 23.71
CA LEU A 330 -14.14 8.81 23.06
C LEU A 330 -15.61 8.63 23.32
N THR A 331 -16.31 8.12 22.33
CA THR A 331 -17.69 7.75 22.47
C THR A 331 -17.84 6.29 22.08
N ASP A 332 -18.39 5.49 23.00
CA ASP A 332 -18.76 4.12 22.68
C ASP A 332 -20.01 4.19 21.80
N THR A 333 -19.91 3.68 20.59
CA THR A 333 -20.97 3.74 19.58
C THR A 333 -22.32 3.12 19.99
N PHE A 334 -22.30 2.09 20.83
CA PHE A 334 -23.54 1.39 21.27
C PHE A 334 -24.18 2.03 22.51
N SER A 335 -23.38 2.24 23.53
CA SER A 335 -23.87 2.74 24.81
C SER A 335 -24.07 4.25 24.78
N GLN A 336 -23.42 4.91 23.84
CA GLN A 336 -23.26 6.37 23.83
C GLN A 336 -22.47 6.92 25.04
N ARG A 337 -22.02 6.07 25.96
CA ARG A 337 -21.17 6.53 27.07
C ARG A 337 -19.90 7.17 26.51
N THR A 338 -19.43 8.23 27.16
CA THR A 338 -18.22 8.93 26.73
C THR A 338 -17.19 8.84 27.81
N ARG A 339 -15.93 9.08 27.43
CA ARG A 339 -14.83 9.31 28.40
C ARG A 339 -13.73 10.12 27.76
N VAL A 340 -12.89 10.71 28.60
CA VAL A 340 -11.82 11.60 28.16
C VAL A 340 -10.48 10.94 28.47
N LEU A 341 -9.53 11.05 27.54
CA LEU A 341 -8.13 10.58 27.69
C LEU A 341 -7.21 11.75 27.47
N GLU A 342 -6.21 11.89 28.31
CA GLU A 342 -5.14 12.85 28.05
C GLU A 342 -3.87 12.10 27.64
N VAL A 343 -3.37 12.40 26.45
CA VAL A 343 -2.18 11.77 25.93
C VAL A 343 -1.20 12.79 25.42
N ASP A 344 0.05 12.37 25.21
CA ASP A 344 1.11 13.24 24.71
C ASP A 344 1.21 13.16 23.20
N ALA A 345 0.84 12.04 22.59
CA ALA A 345 0.89 11.90 21.14
C ALA A 345 -0.11 10.91 20.62
N VAL A 346 -0.42 11.05 19.34
CA VAL A 346 -1.46 10.31 18.68
C VAL A 346 -0.90 9.79 17.38
N VAL A 347 -1.22 8.50 17.07
CA VAL A 347 -0.85 7.84 15.80
C VAL A 347 -2.12 7.42 15.06
N LEU A 348 -2.26 7.81 13.80
CA LEU A 348 -3.46 7.50 13.05
C LEU A 348 -3.19 6.31 12.19
N GLY A 349 -3.71 5.15 12.60
CA GLY A 349 -3.63 3.95 11.76
C GLY A 349 -4.92 3.85 10.98
N THR A 350 -5.25 4.92 10.27
CA THR A 350 -6.51 5.04 9.59
C THR A 350 -6.48 4.45 8.18
N GLY A 351 -5.31 4.01 7.71
CA GLY A 351 -5.18 3.47 6.37
C GLY A 351 -5.11 4.53 5.27
N TYR A 352 -5.41 4.10 4.04
CA TYR A 352 -5.25 4.93 2.83
C TYR A 352 -6.57 5.09 2.08
N GLN A 353 -6.72 6.28 1.50
CA GLN A 353 -7.90 6.70 0.76
C GLN A 353 -7.95 6.06 -0.62
N GLN A 354 -9.08 5.49 -1.03
CA GLN A 354 -9.25 5.08 -2.43
C GLN A 354 -9.71 6.30 -3.23
N TYR A 355 -8.92 6.68 -4.21
CA TYR A 355 -9.28 7.78 -5.07
C TYR A 355 -10.38 7.28 -6.00
N LEU A 356 -11.27 8.19 -6.38
CA LEU A 356 -12.23 7.88 -7.44
C LEU A 356 -11.51 8.10 -8.76
N ILE A 357 -10.82 9.24 -8.85
CA ILE A 357 -9.96 9.59 -9.95
C ILE A 357 -8.65 10.05 -9.36
N PRO A 358 -7.55 9.35 -9.64
CA PRO A 358 -6.32 9.79 -8.98
C PRO A 358 -6.00 11.22 -9.37
N PRO A 359 -5.41 12.00 -8.45
CA PRO A 359 -5.11 13.40 -8.74
C PRO A 359 -4.29 13.58 -10.01
N LEU A 360 -3.33 12.68 -10.26
CA LEU A 360 -2.47 12.80 -11.46
C LEU A 360 -3.24 12.69 -12.77
N LEU A 361 -4.45 12.13 -12.75
CA LEU A 361 -5.26 12.05 -13.95
C LEU A 361 -6.31 13.17 -14.07
N SER A 362 -6.21 14.19 -13.19
CA SER A 362 -7.15 15.33 -13.14
C SER A 362 -7.45 15.91 -14.49
N GLY A 363 -6.38 16.20 -15.23
CA GLY A 363 -6.49 16.89 -16.52
C GLY A 363 -6.97 16.03 -17.67
N LEU A 364 -7.10 14.72 -17.45
CA LEU A 364 -7.54 13.84 -18.52
C LEU A 364 -9.01 13.44 -18.35
N GLN A 365 -9.69 13.98 -17.34
CA GLN A 365 -11.10 13.62 -17.08
C GLN A 365 -12.03 13.58 -18.29
N PRO A 366 -11.90 14.54 -19.23
CA PRO A 366 -12.78 14.52 -20.40
C PRO A 366 -12.66 13.28 -21.30
N TRP A 367 -11.52 12.57 -21.25
CA TRP A 367 -11.32 11.35 -22.06
C TRP A 367 -11.43 10.07 -21.23
N LEU A 368 -11.89 10.18 -19.98
CA LEU A 368 -11.99 9.02 -19.10
C LEU A 368 -13.46 8.67 -18.86
N ALA A 369 -13.81 7.40 -19.05
CA ALA A 369 -15.16 6.97 -18.78
C ALA A 369 -15.45 7.06 -17.29
N ALA A 370 -16.72 7.01 -16.94
CA ALA A 370 -17.14 7.12 -15.56
C ALA A 370 -17.75 5.82 -15.04
N ASP A 371 -17.30 5.38 -13.87
CA ASP A 371 -17.93 4.27 -13.18
C ASP A 371 -19.15 4.86 -12.45
N VAL A 372 -19.83 4.04 -11.68
CA VAL A 372 -21.09 4.46 -11.04
C VAL A 372 -20.91 5.61 -10.05
N ASP A 373 -19.65 5.86 -9.62
CA ASP A 373 -19.40 6.91 -8.65
C ASP A 373 -18.67 8.12 -9.27
N GLY A 374 -18.64 8.19 -10.60
CA GLY A 374 -17.90 9.22 -11.31
C GLY A 374 -16.42 8.89 -11.47
N GLY A 375 -15.90 7.98 -10.66
CA GLY A 375 -14.49 7.61 -10.72
C GLY A 375 -14.09 6.77 -11.93
N LEU A 376 -12.88 6.24 -11.88
CA LEU A 376 -12.30 5.47 -12.97
C LEU A 376 -13.06 4.19 -13.16
N LEU A 377 -13.20 3.80 -14.42
CA LEU A 377 -13.83 2.55 -14.79
C LEU A 377 -12.74 1.58 -15.25
N ILE A 378 -12.46 0.59 -14.43
CA ILE A 378 -11.24 -0.25 -14.61
C ILE A 378 -11.65 -1.70 -14.90
N ASP A 379 -11.06 -2.30 -15.93
CA ASP A 379 -11.46 -3.65 -16.29
C ASP A 379 -10.62 -4.68 -15.49
N ARG A 380 -10.79 -5.95 -15.82
CA ARG A 380 -10.16 -7.06 -15.08
C ARG A 380 -8.64 -7.11 -15.26
N ASP A 381 -8.18 -6.57 -16.39
CA ASP A 381 -6.77 -6.41 -16.73
C ASP A 381 -6.17 -5.06 -16.33
N TYR A 382 -6.86 -4.36 -15.43
CA TYR A 382 -6.35 -3.12 -14.84
C TYR A 382 -6.27 -1.93 -15.82
N ARG A 383 -7.00 -2.02 -16.93
CA ARG A 383 -7.02 -0.97 -17.96
C ARG A 383 -8.13 0.02 -17.67
N VAL A 384 -7.84 1.30 -17.88
CA VAL A 384 -8.81 2.34 -17.65
C VAL A 384 -9.59 2.56 -18.94
N ALA A 385 -10.92 2.61 -18.84
CA ALA A 385 -11.76 2.72 -20.03
C ALA A 385 -11.80 4.20 -20.39
N THR A 386 -11.62 4.48 -21.68
CA THR A 386 -11.57 5.84 -22.19
C THR A 386 -12.73 6.09 -23.11
N GLN A 387 -12.86 7.34 -23.51
CA GLN A 387 -13.86 7.76 -24.48
C GLN A 387 -13.19 8.81 -25.36
N GLY A 388 -13.53 8.82 -26.64
CA GLY A 388 -12.99 9.79 -27.60
C GLY A 388 -11.47 9.87 -27.61
N ALA A 389 -10.82 8.71 -27.44
CA ALA A 389 -9.36 8.59 -27.40
C ALA A 389 -8.89 7.69 -28.52
N CYS A 390 -7.79 8.09 -29.17
CA CYS A 390 -7.22 7.35 -30.31
C CYS A 390 -5.90 6.74 -29.87
N ASP A 391 -5.91 5.43 -29.65
CA ASP A 391 -4.69 4.65 -29.31
C ASP A 391 -4.09 4.91 -27.91
N VAL A 392 -4.76 5.67 -27.04
CA VAL A 392 -4.19 5.98 -25.70
C VAL A 392 -4.72 5.04 -24.61
N ASN A 393 -3.78 4.38 -23.94
CA ASN A 393 -4.11 3.42 -22.90
C ASN A 393 -3.49 3.78 -21.59
N ILE A 394 -4.28 3.51 -20.54
CA ILE A 394 -3.85 3.75 -19.19
C ILE A 394 -4.23 2.53 -18.35
N TRP A 395 -3.34 2.19 -17.42
CA TRP A 395 -3.51 1.08 -16.50
C TRP A 395 -3.29 1.61 -15.10
N VAL A 396 -4.09 1.15 -14.15
CA VAL A 396 -3.80 1.40 -12.74
C VAL A 396 -3.35 0.09 -12.09
N ASN A 397 -2.08 0.01 -11.71
CA ASN A 397 -1.47 -1.23 -11.22
C ASN A 397 -1.67 -1.43 -9.72
N GLY A 398 -2.90 -1.71 -9.33
CA GLY A 398 -3.23 -1.90 -7.92
C GLY A 398 -4.64 -2.44 -7.78
N LEU A 399 -4.97 -2.87 -6.57
CA LEU A 399 -6.33 -3.25 -6.23
C LEU A 399 -7.06 -2.09 -5.56
N SER A 400 -8.39 -2.19 -5.56
CA SER A 400 -9.29 -1.31 -4.79
C SER A 400 -10.61 -2.01 -4.60
N GLU A 401 -11.30 -1.70 -3.51
CA GLU A 401 -12.63 -2.22 -3.28
C GLU A 401 -13.58 -1.83 -4.43
N ARG A 402 -13.51 -0.59 -4.88
CA ARG A 402 -14.51 -0.04 -5.81
C ARG A 402 -14.40 -0.67 -7.20
N SER A 403 -13.19 -0.96 -7.66
CA SER A 403 -12.98 -1.55 -8.98
C SER A 403 -12.83 -3.07 -8.94
N HIS A 404 -12.27 -3.61 -7.85
CA HIS A 404 -11.90 -5.03 -7.85
C HIS A 404 -12.41 -5.83 -6.67
N GLY A 405 -13.14 -5.21 -5.75
CA GLY A 405 -13.69 -5.94 -4.61
C GLY A 405 -12.72 -6.22 -3.47
N ILE A 406 -11.45 -5.82 -3.64
CA ILE A 406 -10.43 -6.03 -2.62
C ILE A 406 -9.60 -4.78 -2.38
N SER A 407 -9.28 -4.58 -1.10
CA SER A 407 -8.44 -3.49 -0.62
C SER A 407 -7.04 -3.62 -1.24
N ASP A 408 -6.35 -2.49 -1.44
CA ASP A 408 -5.04 -2.56 -2.08
C ASP A 408 -4.03 -3.15 -1.09
N SER A 409 -3.16 -4.01 -1.60
CA SER A 409 -2.25 -4.80 -0.74
C SER A 409 -0.86 -4.56 -1.28
N GLN A 410 0.14 -4.64 -0.43
CA GLN A 410 1.50 -4.74 -0.96
C GLN A 410 1.93 -6.22 -1.12
N SER A 411 1.01 -7.09 -1.57
CA SER A 411 1.32 -8.52 -1.81
C SER A 411 2.24 -8.67 -3.02
N PHE A 412 3.40 -9.25 -2.77
CA PHE A 412 4.38 -9.37 -3.82
C PHE A 412 3.87 -10.30 -4.92
N SER A 413 3.24 -11.40 -4.53
CA SER A 413 2.75 -12.31 -5.53
C SER A 413 1.70 -11.68 -6.45
N LEU A 414 0.82 -10.85 -5.90
CA LEU A 414 -0.22 -10.22 -6.70
C LEU A 414 0.43 -9.31 -7.74
N ALA A 416 3.30 -9.67 -9.05
CA ALA A 416 3.92 -10.48 -10.10
C ALA A 416 2.91 -10.82 -11.14
N LEU A 417 1.71 -11.17 -10.73
CA LEU A 417 0.64 -11.62 -11.65
C LEU A 417 0.08 -10.47 -12.47
N ARG A 418 -0.12 -9.35 -11.81
CA ARG A 418 -0.53 -8.14 -12.48
C ARG A 418 0.48 -7.72 -13.51
N ALA A 419 1.76 -7.73 -13.15
CA ALA A 419 2.83 -7.39 -14.07
C ALA A 419 2.74 -8.19 -15.34
N GLY A 420 2.41 -9.46 -15.24
CA GLY A 420 2.24 -10.29 -16.43
C GLY A 420 1.08 -9.82 -17.34
N ARG A 421 -0.06 -9.57 -16.74
CA ARG A 421 -1.23 -9.11 -17.46
C ARG A 421 -1.01 -7.75 -18.12
N ILE A 422 -0.32 -6.86 -17.42
CA ILE A 422 -0.09 -5.52 -17.94
C ILE A 422 0.97 -5.54 -19.03
N ALA A 423 2.06 -6.26 -18.82
CA ALA A 423 3.15 -6.25 -19.79
C ALA A 423 2.72 -6.88 -21.11
N SER A 424 1.89 -7.91 -21.07
CA SER A 424 1.30 -8.45 -22.28
C SER A 424 0.36 -7.45 -22.94
N ALA A 425 -0.51 -6.83 -22.16
CA ALA A 425 -1.41 -5.82 -22.74
C ALA A 425 -0.61 -4.71 -23.37
N LEU A 426 0.49 -4.30 -22.72
CA LEU A 426 1.36 -3.27 -23.30
C LEU A 426 1.93 -3.68 -24.63
N GLU A 427 2.37 -4.93 -24.76
CA GLU A 427 2.90 -5.42 -26.05
C GLU A 427 1.90 -5.32 -27.19
N ARG A 428 0.67 -5.79 -26.96
CA ARG A 428 -0.39 -5.77 -28.00
C ARG A 428 -0.67 -4.35 -28.45
N ALA A 429 -0.63 -3.43 -27.50
CA ALA A 429 -0.83 -2.01 -27.78
C ALA A 429 0.30 -1.32 -28.55
N VAL A 430 1.30 -2.05 -29.04
CA VAL A 430 2.36 -1.43 -29.87
C VAL A 430 2.55 -2.20 -31.19
N GLU A 431 1.46 -2.40 -31.93
CA GLU A 431 1.51 -3.05 -33.24
C GLU A 431 0.21 -2.89 -34.01
#